data_6SSV
#
_entry.id   6SSV
#
_cell.length_a   98.887
_cell.length_b   98.887
_cell.length_c   115.338
_cell.angle_alpha   90.000
_cell.angle_beta   90.000
_cell.angle_gamma   120.000
#
_symmetry.space_group_name_H-M   'P 32 2 1'
#
_entity_poly.entity_id   1
_entity_poly.type   'polypeptide(L)'
_entity_poly.pdbx_seq_one_letter_code
;MAFTRAFLSKSTVEFGQDNFLTCPLGILFTLGILLGSGGAQGKTGHQIGKAIRLKSTSSSWNPFGAQEEMKSLYKELNDS
LGSEKTFIDDKEEKVVRISTGLFVQRTHEIETSFNESIKNDFKGELIPVNFLNRTSATLSINRWVDQQSNGLLEKFFMDD
IPDDTGMILVNVFYFRDFWESPFEPHYTKIENFDISPNRQIKVPMMMKEEVLHYGKFENQGFEIVSKPLNNTRFTFVVVL
PLEKWSLTGAMELLNGNKILSEYIKKLKETTVSLRLPKFTLKNTLDLVQTLKSMGIVDLFNPVAANLSGITHDHQLYVDK
FMQTNILKLNESGIEATTVTSPIFVPISAVLPDIDFNVNHPFICFIYDQQLTMPIIAAKVIEPIISSA
;
_entity_poly.pdbx_strand_id   A
#
# COMPACT_ATOMS: atom_id res chain seq x y z
N ALA A 2 -6.72 -2.05 14.71
CA ALA A 2 -6.80 -3.12 13.74
C ALA A 2 -5.45 -3.23 13.05
N PHE A 3 -5.37 -3.99 11.97
CA PHE A 3 -4.04 -4.14 11.32
C PHE A 3 -3.62 -2.84 10.68
N THR A 4 -4.38 -2.39 9.67
CA THR A 4 -4.00 -1.17 8.96
C THR A 4 -3.71 -0.02 9.91
N ARG A 5 -4.36 0.01 11.07
CA ARG A 5 -4.10 1.10 12.01
C ARG A 5 -2.87 0.85 12.86
N ALA A 6 -2.42 -0.40 12.95
CA ALA A 6 -1.17 -0.70 13.62
C ALA A 6 0.02 -0.46 12.71
N PHE A 7 -0.13 -0.80 11.43
CA PHE A 7 0.96 -0.67 10.48
C PHE A 7 1.36 0.79 10.29
N LEU A 8 0.40 1.64 9.93
CA LEU A 8 0.68 3.05 9.74
C LEU A 8 1.31 3.67 10.98
N SER A 9 1.00 3.13 12.16
CA SER A 9 1.63 3.57 13.39
C SER A 9 3.16 3.45 13.30
N LYS A 10 3.64 2.21 13.15
CA LYS A 10 5.10 1.91 13.16
C LYS A 10 5.74 2.10 11.78
N SER A 11 4.98 2.55 10.78
CA SER A 11 5.53 2.75 9.42
C SER A 11 5.88 4.23 9.21
N THR A 12 4.99 5.12 9.67
CA THR A 12 5.11 6.57 9.53
C THR A 12 6.10 7.19 10.50
N VAL A 13 6.39 6.53 11.63
CA VAL A 13 7.45 7.00 12.49
C VAL A 13 8.81 6.95 11.81
N GLU A 14 8.89 6.34 10.61
CA GLU A 14 10.14 6.25 9.86
C GLU A 14 10.57 7.56 9.21
N PHE A 15 9.73 8.59 9.25
CA PHE A 15 10.12 9.89 8.68
C PHE A 15 9.99 11.03 9.68
N ASP A 18 9.93 13.92 4.81
CA ASP A 18 10.29 13.28 3.55
C ASP A 18 9.12 12.46 2.97
N ASN A 19 9.17 12.20 1.67
CA ASN A 19 8.03 11.67 0.91
C ASN A 19 7.77 10.21 1.22
N PHE A 20 6.67 9.94 1.93
CA PHE A 20 6.27 8.61 2.33
C PHE A 20 5.22 8.10 1.35
N LEU A 21 5.15 6.79 1.12
CA LEU A 21 4.09 6.17 0.29
C LEU A 21 4.01 4.70 0.69
N THR A 22 2.87 4.26 1.22
CA THR A 22 2.67 2.87 1.64
C THR A 22 1.25 2.43 1.31
N CYS A 23 1.10 1.11 1.13
CA CYS A 23 -0.21 0.48 0.92
C CYS A 23 -0.39 -0.66 1.91
N PRO A 24 -0.91 -0.37 3.11
CA PRO A 24 -1.03 -1.45 4.11
C PRO A 24 -2.06 -2.48 3.71
N LEU A 25 -2.91 -2.19 2.73
CA LEU A 25 -3.84 -3.19 2.21
C LEU A 25 -3.11 -4.47 1.76
N GLY A 26 -2.24 -4.33 0.76
CA GLY A 26 -1.58 -5.50 0.20
C GLY A 26 -0.54 -6.14 1.09
N ILE A 27 0.06 -5.36 2.02
CA ILE A 27 1.03 -5.95 2.94
C ILE A 27 0.41 -7.09 3.72
N LEU A 28 -0.85 -6.89 4.15
CA LEU A 28 -1.71 -7.98 4.62
C LEU A 28 -1.70 -9.15 3.64
N PHE A 29 -1.98 -8.87 2.36
CA PHE A 29 -2.01 -9.92 1.35
C PHE A 29 -0.69 -10.67 1.34
N THR A 30 0.42 -9.93 1.34
CA THR A 30 1.72 -10.59 1.40
C THR A 30 1.81 -11.63 2.51
N LEU A 31 1.26 -11.29 3.68
CA LEU A 31 1.29 -12.08 4.91
C LEU A 31 0.11 -13.04 5.10
N GLY A 32 -1.02 -12.74 4.44
CA GLY A 32 -2.07 -13.74 4.31
C GLY A 32 -1.53 -14.96 3.60
N ILE A 33 -0.61 -14.75 2.64
CA ILE A 33 -0.05 -15.86 1.89
C ILE A 33 0.89 -16.68 2.74
N LEU A 34 1.27 -16.14 3.90
CA LEU A 34 2.13 -16.90 4.86
C LEU A 34 1.21 -17.80 5.69
N LEU A 35 0.25 -17.23 6.41
CA LEU A 35 -0.63 -18.05 7.25
C LEU A 35 -1.46 -18.98 6.38
N GLY A 36 -2.33 -18.37 5.59
CA GLY A 36 -3.34 -19.09 4.79
C GLY A 36 -2.88 -20.39 4.13
N SER A 37 -1.80 -20.33 3.36
CA SER A 37 -1.28 -21.53 2.65
C SER A 37 -0.88 -22.59 3.67
N GLY A 38 -0.26 -22.17 4.78
CA GLY A 38 0.19 -23.09 5.84
C GLY A 38 1.70 -23.01 5.97
N GLY A 39 2.30 -22.01 5.34
CA GLY A 39 3.72 -21.84 5.37
C GLY A 39 4.20 -21.66 6.79
N ALA A 40 3.79 -20.60 7.45
CA ALA A 40 4.33 -20.25 8.77
C ALA A 40 3.62 -20.99 9.88
N GLN A 41 4.31 -21.93 10.51
CA GLN A 41 3.72 -22.70 11.59
C GLN A 41 4.32 -22.24 12.92
N GLY A 42 3.72 -22.69 14.02
CA GLY A 42 4.24 -22.43 15.36
C GLY A 42 4.14 -20.98 15.82
N LYS A 43 5.03 -20.63 16.76
CA LYS A 43 5.13 -19.25 17.21
C LYS A 43 5.20 -18.27 16.04
N THR A 44 5.93 -18.63 14.98
CA THR A 44 6.18 -17.71 13.87
C THR A 44 4.87 -17.21 13.25
N GLY A 45 4.05 -18.14 12.74
CA GLY A 45 2.81 -17.75 12.09
C GLY A 45 1.72 -17.28 13.04
N HIS A 46 1.73 -17.77 14.28
CA HIS A 46 0.79 -17.26 15.27
C HIS A 46 0.95 -15.76 15.45
N GLN A 47 2.20 -15.29 15.53
CA GLN A 47 2.44 -13.87 15.74
C GLN A 47 1.90 -13.07 14.58
N ILE A 48 1.71 -13.72 13.43
CA ILE A 48 1.17 -13.08 12.20
C ILE A 48 -0.35 -12.96 12.37
N GLY A 49 -1.01 -14.09 12.64
CA GLY A 49 -2.47 -14.11 12.87
C GLY A 49 -2.86 -13.05 13.88
N LYS A 50 -2.06 -12.94 14.96
CA LYS A 50 -2.33 -11.95 16.00
C LYS A 50 -2.23 -10.52 15.44
N ALA A 51 -1.21 -10.22 14.64
CA ALA A 51 -1.05 -8.86 14.13
C ALA A 51 -2.16 -8.50 13.13
N ILE A 52 -2.71 -9.51 12.48
CA ILE A 52 -3.87 -9.32 11.57
C ILE A 52 -5.12 -9.18 12.45
N ARG A 53 -5.01 -9.51 13.74
CA ARG A 53 -6.13 -9.43 14.70
C ARG A 53 -7.33 -10.22 14.19
N LEU A 54 -7.15 -11.49 13.84
CA LEU A 54 -8.26 -12.36 13.38
C LEU A 54 -8.79 -13.20 14.53
N LYS A 55 -10.01 -13.76 14.41
CA LYS A 55 -10.67 -14.51 15.46
C LYS A 55 -9.74 -15.56 16.03
N SER A 56 -9.34 -16.50 15.17
CA SER A 56 -8.75 -17.74 15.66
C SER A 56 -7.51 -17.51 16.49
N THR A 57 -6.87 -16.38 16.31
CA THR A 57 -5.64 -16.12 17.07
C THR A 57 -6.01 -15.47 18.40
N SER A 58 -7.25 -15.03 18.55
CA SER A 58 -7.63 -14.32 19.78
C SER A 58 -7.48 -15.21 21.00
N SER A 59 -7.84 -16.48 20.88
CA SER A 59 -7.83 -17.38 22.06
C SER A 59 -6.56 -18.22 22.22
N SER A 60 -6.18 -19.05 21.24
CA SER A 60 -5.02 -19.93 21.50
C SER A 60 -4.35 -20.40 20.21
N TRP A 61 -3.13 -20.92 20.31
CA TRP A 61 -2.55 -21.40 19.04
C TRP A 61 -3.39 -22.59 18.61
N ASN A 62 -3.86 -22.53 17.35
CA ASN A 62 -4.69 -23.57 16.69
C ASN A 62 -4.36 -23.52 15.19
N PRO A 63 -3.23 -24.13 14.75
CA PRO A 63 -2.78 -24.08 13.36
C PRO A 63 -3.85 -24.29 12.27
N PHE A 64 -4.50 -25.45 12.27
CA PHE A 64 -5.51 -25.80 11.25
C PHE A 64 -6.53 -24.68 11.20
N GLY A 65 -6.89 -24.15 12.36
CA GLY A 65 -7.94 -23.13 12.41
C GLY A 65 -7.62 -21.83 11.73
N ALA A 66 -6.45 -21.26 11.94
CA ALA A 66 -6.16 -19.90 11.43
C ALA A 66 -5.84 -19.93 9.95
N GLN A 67 -5.40 -21.07 9.41
CA GLN A 67 -5.24 -21.24 7.96
C GLN A 67 -6.55 -21.01 7.22
N GLU A 68 -7.59 -21.75 7.60
CA GLU A 68 -8.82 -21.71 6.82
C GLU A 68 -9.47 -20.32 6.90
N GLU A 69 -9.35 -19.64 8.05
CA GLU A 69 -9.98 -18.33 8.24
C GLU A 69 -9.22 -17.22 7.51
N MET A 70 -7.89 -17.30 7.44
CA MET A 70 -7.12 -16.42 6.57
C MET A 70 -7.35 -16.73 5.08
N LYS A 71 -7.44 -18.01 4.72
CA LYS A 71 -7.67 -18.38 3.33
C LYS A 71 -8.97 -17.81 2.79
N SER A 72 -10.03 -17.76 3.60
CA SER A 72 -11.28 -17.19 3.12
C SER A 72 -11.33 -15.68 3.31
N LEU A 73 -10.72 -15.17 4.39
CA LEU A 73 -10.57 -13.73 4.56
C LEU A 73 -9.86 -13.10 3.38
N TYR A 74 -8.66 -13.62 3.03
CA TYR A 74 -7.97 -13.20 1.81
C TYR A 74 -8.86 -13.32 0.59
N LYS A 75 -9.38 -14.53 0.33
CA LYS A 75 -10.15 -14.75 -0.89
C LYS A 75 -11.38 -13.85 -0.95
N GLU A 76 -11.90 -13.45 0.22
CA GLU A 76 -13.09 -12.60 0.32
C GLU A 76 -12.82 -11.19 -0.17
N LEU A 77 -11.78 -10.56 0.38
CA LEU A 77 -11.32 -9.24 -0.07
C LEU A 77 -10.73 -9.29 -1.46
N ASN A 78 -10.21 -10.45 -1.88
CA ASN A 78 -9.43 -10.50 -3.10
C ASN A 78 -10.29 -10.47 -4.37
N ASP A 79 -11.40 -11.24 -4.41
CA ASP A 79 -12.36 -11.08 -5.50
C ASP A 79 -13.10 -9.77 -5.43
N SER A 80 -13.06 -9.07 -4.31
CA SER A 80 -13.82 -7.84 -4.23
C SER A 80 -13.09 -6.74 -4.99
N LEU A 81 -11.83 -6.49 -4.65
CA LEU A 81 -11.01 -5.55 -5.42
C LEU A 81 -10.83 -5.98 -6.85
N GLY A 82 -11.15 -7.23 -7.18
CA GLY A 82 -11.01 -7.72 -8.54
C GLY A 82 -12.32 -7.58 -9.29
N SER A 83 -13.41 -7.65 -8.54
CA SER A 83 -14.76 -7.47 -9.12
C SER A 83 -14.90 -6.02 -9.61
N GLU A 84 -13.97 -5.15 -9.21
CA GLU A 84 -13.97 -3.75 -9.62
C GLU A 84 -13.21 -3.56 -10.93
N LYS A 85 -13.95 -3.42 -12.04
CA LYS A 85 -13.38 -3.29 -13.38
C LYS A 85 -13.70 -1.97 -14.04
N THR A 86 -12.68 -1.29 -14.58
CA THR A 86 -12.83 0.03 -15.20
C THR A 86 -12.22 0.04 -16.61
N PHE A 87 -12.57 1.05 -17.40
CA PHE A 87 -12.09 1.15 -18.81
C PHE A 87 -10.83 2.00 -18.96
N ASP A 90 -11.65 1.73 -24.69
CA ASP A 90 -12.85 1.56 -23.89
C ASP A 90 -13.01 0.11 -23.44
N LYS A 91 -11.88 -0.58 -23.22
CA LYS A 91 -11.88 -1.98 -22.85
C LYS A 91 -11.72 -2.13 -21.34
N GLU A 92 -12.63 -2.92 -20.74
CA GLU A 92 -12.65 -3.21 -19.28
C GLU A 92 -11.26 -3.63 -18.80
N GLU A 93 -10.82 -3.07 -17.68
CA GLU A 93 -9.49 -3.32 -17.14
C GLU A 93 -9.60 -3.44 -15.62
N LYS A 94 -8.70 -4.20 -15.01
CA LYS A 94 -8.73 -4.33 -13.56
C LYS A 94 -8.43 -2.99 -12.91
N VAL A 95 -9.18 -2.63 -11.87
CA VAL A 95 -8.88 -1.39 -11.18
C VAL A 95 -7.75 -1.59 -10.18
N VAL A 96 -7.82 -2.66 -9.40
CA VAL A 96 -6.77 -2.92 -8.42
C VAL A 96 -5.89 -4.07 -8.90
N ARG A 97 -4.57 -3.90 -8.70
CA ARG A 97 -3.53 -4.76 -9.24
C ARG A 97 -2.56 -5.11 -8.12
N ILE A 98 -2.47 -6.38 -7.78
CA ILE A 98 -1.63 -6.84 -6.68
C ILE A 98 -0.88 -8.10 -7.11
N SER A 99 0.44 -8.02 -7.14
CA SER A 99 1.33 -9.16 -7.23
C SER A 99 2.08 -9.29 -5.92
N THR A 100 2.44 -10.52 -5.59
CA THR A 100 3.15 -10.82 -4.34
C THR A 100 4.10 -11.97 -4.64
N GLY A 101 5.40 -11.76 -4.39
CA GLY A 101 6.39 -12.71 -4.85
C GLY A 101 7.31 -13.27 -3.79
N LEU A 102 7.32 -14.61 -3.65
CA LEU A 102 8.18 -15.30 -2.69
C LEU A 102 9.42 -15.89 -3.37
N PHE A 103 10.53 -15.16 -3.34
CA PHE A 103 11.74 -15.60 -4.01
C PHE A 103 12.57 -16.51 -3.10
N VAL A 104 12.77 -17.76 -3.52
CA VAL A 104 13.37 -18.85 -2.69
C VAL A 104 14.55 -19.58 -3.35
N GLN A 105 15.55 -20.00 -2.56
CA GLN A 105 16.65 -20.82 -3.05
C GLN A 105 16.12 -22.07 -3.75
N ARG A 106 16.57 -22.29 -5.00
CA ARG A 106 15.92 -23.26 -5.88
C ARG A 106 16.01 -24.67 -5.29
N THR A 107 17.14 -25.00 -4.64
CA THR A 107 17.41 -26.36 -4.18
C THR A 107 16.36 -26.90 -3.22
N HIS A 108 15.58 -26.04 -2.58
CA HIS A 108 14.75 -26.49 -1.47
C HIS A 108 13.55 -27.25 -1.99
N GLU A 109 13.37 -28.46 -1.48
CA GLU A 109 12.16 -29.23 -1.79
C GLU A 109 11.00 -28.54 -1.09
N ILE A 110 10.17 -27.81 -1.86
CA ILE A 110 9.02 -27.15 -1.24
C ILE A 110 7.92 -28.18 -1.09
N GLU A 111 7.13 -28.04 -0.03
CA GLU A 111 6.02 -28.97 0.16
C GLU A 111 5.02 -28.75 -0.97
N THR A 112 4.57 -29.85 -1.57
CA THR A 112 3.61 -29.73 -2.67
C THR A 112 2.28 -29.15 -2.20
N SER A 113 1.98 -29.22 -0.91
CA SER A 113 0.80 -28.54 -0.40
C SER A 113 0.99 -27.02 -0.45
N PHE A 114 2.11 -26.55 0.08
CA PHE A 114 2.44 -25.12 0.02
C PHE A 114 2.50 -24.60 -1.41
N ASN A 115 3.00 -25.42 -2.33
CA ASN A 115 3.06 -24.95 -3.70
C ASN A 115 1.68 -25.03 -4.36
N GLU A 116 0.89 -26.04 -3.98
CA GLU A 116 -0.47 -26.16 -4.51
C GLU A 116 -1.33 -24.98 -4.08
N SER A 117 -1.14 -24.49 -2.86
CA SER A 117 -2.01 -23.45 -2.30
C SER A 117 -1.70 -22.07 -2.89
N ILE A 118 -0.42 -21.69 -2.98
CA ILE A 118 -0.16 -20.33 -3.46
C ILE A 118 -0.68 -20.15 -4.88
N LYS A 119 -0.80 -21.24 -5.64
CA LYS A 119 -1.24 -21.10 -7.02
C LYS A 119 -2.76 -21.06 -7.12
N ASN A 120 -3.43 -22.14 -6.67
CA ASN A 120 -4.89 -22.27 -6.76
C ASN A 120 -5.65 -21.56 -5.65
N ASP A 121 -5.01 -21.25 -4.51
CA ASP A 121 -5.66 -20.53 -3.41
C ASP A 121 -5.36 -19.03 -3.40
N PHE A 122 -4.18 -18.62 -3.80
CA PHE A 122 -3.84 -17.20 -3.86
C PHE A 122 -3.47 -16.81 -5.30
N LYS A 123 -3.43 -15.50 -5.56
CA LYS A 123 -3.05 -14.98 -6.87
C LYS A 123 -1.55 -14.77 -6.99
N GLY A 124 -0.77 -15.39 -6.10
CA GLY A 124 0.62 -15.07 -5.94
C GLY A 124 1.54 -16.11 -6.53
N GLU A 125 2.84 -15.78 -6.55
CA GLU A 125 3.82 -16.50 -7.36
C GLU A 125 5.09 -16.80 -6.57
N LEU A 126 5.45 -18.07 -6.54
CA LEU A 126 6.73 -18.54 -6.03
C LEU A 126 7.80 -18.44 -7.12
N ILE A 127 8.96 -17.87 -6.76
CA ILE A 127 10.08 -17.75 -7.74
C ILE A 127 11.34 -18.44 -7.17
N PRO A 128 11.78 -19.59 -7.72
CA PRO A 128 12.99 -20.29 -7.26
C PRO A 128 14.21 -19.67 -7.96
N VAL A 129 15.17 -19.14 -7.18
CA VAL A 129 16.35 -18.42 -7.74
C VAL A 129 17.58 -18.85 -6.95
N ASN A 130 18.78 -18.45 -7.39
CA ASN A 130 20.04 -18.87 -6.74
C ASN A 130 20.60 -17.56 -6.16
N PHE A 131 20.79 -17.50 -4.84
CA PHE A 131 21.33 -16.28 -4.16
C PHE A 131 22.86 -16.28 -4.19
N LEU A 132 23.47 -17.47 -4.37
CA LEU A 132 24.94 -17.65 -4.45
C LEU A 132 25.25 -16.70 -5.62
N ASN A 133 24.49 -16.80 -6.71
CA ASN A 133 24.69 -15.90 -7.87
C ASN A 133 23.96 -14.59 -7.55
N ARG A 134 24.45 -13.85 -6.54
CA ARG A 134 23.79 -12.63 -6.08
C ARG A 134 23.57 -11.68 -7.24
N THR A 135 24.56 -11.59 -8.14
CA THR A 135 24.45 -10.77 -9.35
C THR A 135 23.28 -11.22 -10.21
N SER A 136 23.31 -12.47 -10.65
CA SER A 136 22.20 -12.95 -11.45
C SER A 136 20.90 -13.03 -10.65
N ALA A 137 21.05 -13.04 -9.31
CA ALA A 137 19.90 -13.15 -8.38
C ALA A 137 19.06 -11.86 -8.42
N THR A 138 19.71 -10.70 -8.26
CA THR A 138 19.00 -9.40 -8.26
C THR A 138 18.16 -9.04 -9.50
N LEU A 139 18.69 -9.30 -10.69
CA LEU A 139 18.02 -8.99 -11.98
C LEU A 139 16.75 -9.82 -12.18
N SER A 140 16.74 -11.04 -11.68
CA SER A 140 15.59 -11.95 -11.71
C SER A 140 14.50 -11.14 -11.03
N ILE A 141 14.80 -10.57 -9.87
CA ILE A 141 13.82 -9.78 -9.09
C ILE A 141 13.45 -8.56 -9.92
N ASN A 142 14.44 -7.86 -10.44
CA ASN A 142 14.17 -6.64 -11.23
C ASN A 142 13.34 -7.04 -12.45
N ARG A 143 13.65 -8.14 -13.11
CA ARG A 143 12.79 -8.49 -14.25
C ARG A 143 11.42 -8.88 -13.72
N TRP A 144 11.32 -9.50 -12.55
CA TRP A 144 10.00 -9.91 -12.12
C TRP A 144 9.09 -8.71 -11.86
N VAL A 145 9.60 -7.71 -11.13
CA VAL A 145 8.82 -6.53 -10.79
C VAL A 145 8.53 -5.66 -12.01
N ASP A 146 9.50 -5.53 -12.92
CA ASP A 146 9.27 -4.85 -14.18
C ASP A 146 8.23 -5.60 -15.05
N GLN A 147 8.08 -6.91 -14.86
CA GLN A 147 7.07 -7.54 -15.71
C GLN A 147 5.69 -7.38 -15.12
N GLN A 148 5.61 -7.18 -13.80
CA GLN A 148 4.33 -7.10 -13.10
C GLN A 148 3.75 -5.69 -13.15
N SER A 149 4.60 -4.67 -13.06
CA SER A 149 4.17 -3.28 -13.12
C SER A 149 4.03 -2.77 -14.55
N ASN A 150 4.11 -3.65 -15.55
CA ASN A 150 4.06 -3.29 -16.97
C ASN A 150 4.90 -2.06 -17.28
N GLY A 151 6.15 -2.10 -16.82
CA GLY A 151 7.14 -1.09 -17.13
C GLY A 151 7.11 0.10 -16.21
N LEU A 152 6.04 0.28 -15.45
CA LEU A 152 5.96 1.46 -14.61
C LEU A 152 7.02 1.40 -13.52
N LEU A 153 7.31 0.21 -13.01
CA LEU A 153 8.30 0.06 -11.96
C LEU A 153 9.44 -0.80 -12.46
N GLU A 154 10.06 -0.36 -13.53
CA GLU A 154 11.39 -0.89 -13.81
C GLU A 154 12.40 -0.13 -12.95
N LYS A 155 13.66 -0.58 -13.06
CA LYS A 155 14.83 -0.02 -12.32
C LYS A 155 14.73 -0.24 -10.81
N PHE A 156 14.22 -1.39 -10.37
CA PHE A 156 14.17 -1.75 -8.95
C PHE A 156 15.32 -2.70 -8.60
N PHE A 157 16.39 -2.13 -8.03
CA PHE A 157 17.60 -2.91 -7.75
C PHE A 157 17.88 -3.08 -6.26
N MET A 158 17.77 -4.31 -5.76
CA MET A 158 17.97 -4.58 -4.35
C MET A 158 19.46 -4.57 -4.01
N ASP A 159 19.81 -3.75 -3.01
CA ASP A 159 21.20 -3.50 -2.68
C ASP A 159 21.86 -4.72 -2.06
N ASP A 160 21.13 -5.55 -1.29
CA ASP A 160 21.77 -6.69 -0.58
C ASP A 160 20.91 -7.94 -0.73
N ILE A 161 21.53 -9.11 -0.60
CA ILE A 161 20.83 -10.41 -0.78
C ILE A 161 21.21 -11.31 0.40
N PRO A 162 20.34 -12.26 0.80
CA PRO A 162 20.57 -13.17 1.90
C PRO A 162 21.54 -14.31 1.61
N ASP A 163 22.07 -14.91 2.67
CA ASP A 163 23.05 -15.99 2.44
C ASP A 163 22.40 -17.35 2.39
N ASP A 164 21.74 -17.60 1.25
CA ASP A 164 21.15 -18.93 0.94
C ASP A 164 19.91 -19.28 1.76
N THR A 165 19.96 -19.47 3.09
CA THR A 165 18.68 -19.81 3.76
C THR A 165 17.54 -18.78 3.76
N GLY A 166 17.83 -17.50 3.97
CA GLY A 166 16.80 -16.44 4.01
C GLY A 166 15.98 -16.17 2.77
N MET A 167 14.75 -15.64 2.93
CA MET A 167 13.90 -15.28 1.77
C MET A 167 13.78 -13.79 1.45
N ILE A 168 12.98 -13.43 0.42
CA ILE A 168 12.83 -12.04 -0.02
C ILE A 168 11.39 -11.99 -0.50
N LEU A 169 10.57 -11.18 0.12
CA LEU A 169 9.21 -11.07 -0.44
C LEU A 169 9.14 -9.75 -1.18
N VAL A 170 8.28 -9.64 -2.17
CA VAL A 170 8.11 -8.34 -2.85
C VAL A 170 6.61 -8.18 -3.05
N ASN A 171 6.04 -6.99 -2.84
CA ASN A 171 4.59 -6.79 -3.08
C ASN A 171 4.42 -5.60 -4.01
N VAL A 172 3.68 -5.73 -5.11
CA VAL A 172 3.57 -4.58 -6.03
C VAL A 172 2.12 -4.15 -6.11
N PHE A 173 1.74 -3.10 -5.40
CA PHE A 173 0.37 -2.62 -5.55
C PHE A 173 0.34 -1.61 -6.67
N TYR A 174 -0.76 -1.61 -7.42
CA TYR A 174 -0.93 -0.67 -8.52
C TYR A 174 -2.42 -0.35 -8.61
N PHE A 175 -2.76 0.93 -8.51
CA PHE A 175 -4.15 1.34 -8.55
C PHE A 175 -4.32 2.27 -9.75
N ARG A 176 -5.11 1.83 -10.74
CA ARG A 176 -5.35 2.60 -11.97
C ARG A 176 -6.81 3.00 -12.10
N ASP A 177 -7.08 4.29 -12.28
CA ASP A 177 -8.47 4.69 -12.51
C ASP A 177 -8.52 6.11 -13.07
N PHE A 178 -9.67 6.42 -13.69
CA PHE A 178 -10.01 7.73 -14.25
C PHE A 178 -10.63 8.59 -13.17
N TRP A 179 -10.62 9.91 -13.37
CA TRP A 179 -11.46 10.73 -12.51
C TRP A 179 -12.94 10.48 -12.79
N GLU A 180 -13.80 10.89 -11.86
CA GLU A 180 -15.21 10.98 -12.19
C GLU A 180 -15.48 12.27 -12.96
N SER A 181 -14.77 13.35 -12.64
CA SER A 181 -14.77 14.56 -13.46
C SER A 181 -13.31 14.99 -13.64
N PRO A 182 -12.70 14.68 -14.78
CA PRO A 182 -11.29 15.05 -14.98
C PRO A 182 -11.08 16.56 -15.05
N PHE A 183 -9.80 16.93 -14.89
CA PHE A 183 -9.37 18.33 -14.97
C PHE A 183 -9.22 18.77 -16.43
N GLU A 184 -9.57 20.04 -16.68
CA GLU A 184 -9.20 20.60 -17.98
C GLU A 184 -7.71 20.91 -17.96
N PRO A 185 -6.96 20.52 -19.00
CA PRO A 185 -5.54 20.85 -19.03
C PRO A 185 -5.29 22.27 -19.44
N HIS A 186 -6.27 22.89 -20.10
CA HIS A 186 -6.22 24.31 -20.42
C HIS A 186 -5.93 25.17 -19.19
N TYR A 187 -6.26 24.67 -18.00
CA TYR A 187 -6.07 25.50 -16.80
C TYR A 187 -4.97 24.93 -15.93
N THR A 188 -4.26 23.92 -16.39
CA THR A 188 -3.19 23.44 -15.50
C THR A 188 -2.03 24.37 -15.73
N LYS A 189 -1.91 25.35 -14.84
CA LYS A 189 -0.83 26.35 -14.92
C LYS A 189 0.25 25.98 -13.90
N ILE A 190 1.40 26.63 -13.99
CA ILE A 190 2.52 26.37 -13.10
C ILE A 190 2.55 27.39 -11.98
N GLU A 191 2.76 26.92 -10.75
CA GLU A 191 2.56 27.72 -9.55
C GLU A 191 3.61 27.37 -8.50
N ASN A 192 3.78 28.27 -7.54
CA ASN A 192 4.67 27.97 -6.42
C ASN A 192 4.09 26.87 -5.53
N PHE A 193 4.99 26.25 -4.76
CA PHE A 193 4.65 25.22 -3.78
C PHE A 193 5.47 25.56 -2.54
N ASP A 194 4.82 26.03 -1.48
CA ASP A 194 5.57 26.42 -0.27
C ASP A 194 6.01 25.16 0.47
N ILE A 195 7.22 24.69 0.18
CA ILE A 195 7.78 23.57 0.95
C ILE A 195 8.10 24.02 2.38
N SER A 196 8.99 24.98 2.52
CA SER A 196 9.42 25.50 3.81
C SER A 196 9.41 27.02 3.72
N PRO A 197 9.75 27.76 4.79
CA PRO A 197 10.13 29.17 4.61
C PRO A 197 11.22 29.37 3.54
N ASN A 198 12.20 28.47 3.45
CA ASN A 198 13.40 28.71 2.66
C ASN A 198 13.33 28.19 1.23
N ARG A 199 12.83 26.97 1.02
CA ARG A 199 12.75 26.42 -0.33
C ARG A 199 11.32 26.52 -0.86
N GLN A 200 11.21 26.90 -2.12
CA GLN A 200 9.93 26.91 -2.83
C GLN A 200 10.11 26.50 -4.29
N ILE A 201 9.32 25.54 -4.75
CA ILE A 201 9.51 24.93 -6.06
C ILE A 201 8.25 25.17 -6.89
N LYS A 202 8.43 25.13 -8.21
CA LYS A 202 7.29 25.19 -9.12
C LYS A 202 6.70 23.80 -9.36
N VAL A 203 5.48 23.76 -9.90
CA VAL A 203 4.81 22.51 -10.23
C VAL A 203 3.55 22.78 -11.02
N PRO A 204 3.09 21.83 -11.85
CA PRO A 204 1.91 22.08 -12.68
C PRO A 204 0.60 21.95 -11.90
N MET A 205 0.10 23.06 -11.38
CA MET A 205 -1.13 23.04 -10.60
C MET A 205 -2.35 22.79 -11.49
N MET A 206 -3.31 22.00 -10.99
CA MET A 206 -4.50 21.61 -11.73
C MET A 206 -5.74 22.21 -11.09
N MET A 207 -6.34 23.20 -11.76
CA MET A 207 -7.44 24.00 -11.24
C MET A 207 -8.77 23.48 -11.80
N LYS A 208 -9.67 23.05 -10.90
CA LYS A 208 -11.04 22.75 -11.26
C LYS A 208 -12.00 23.10 -10.11
N GLU A 209 -13.17 23.64 -10.45
CA GLU A 209 -14.20 24.01 -9.46
C GLU A 209 -15.39 23.07 -9.64
N GLU A 210 -15.86 22.43 -8.58
CA GLU A 210 -17.04 21.52 -8.67
C GLU A 210 -17.58 21.23 -7.28
N VAL A 211 -18.60 20.37 -7.20
CA VAL A 211 -19.21 19.95 -5.91
C VAL A 211 -18.46 18.71 -5.43
N LEU A 212 -17.80 18.82 -4.30
CA LEU A 212 -17.00 17.75 -3.68
C LEU A 212 -17.28 17.76 -2.18
N HIS A 213 -17.12 16.61 -1.54
CA HIS A 213 -17.44 16.54 -0.11
C HIS A 213 -16.37 17.19 0.74
N TYR A 214 -16.72 18.29 1.40
CA TYR A 214 -15.72 19.04 2.11
C TYR A 214 -15.82 18.80 3.61
N GLY A 215 -14.78 19.18 4.33
CA GLY A 215 -14.78 19.04 5.75
C GLY A 215 -13.70 19.93 6.28
N LYS A 216 -14.04 20.87 7.14
CA LYS A 216 -13.01 21.61 7.86
C LYS A 216 -13.03 21.11 9.30
N PHE A 217 -11.85 21.06 9.88
CA PHE A 217 -11.65 20.60 11.26
C PHE A 217 -10.62 21.53 11.88
N GLU A 218 -11.10 22.70 12.31
CA GLU A 218 -10.22 23.71 12.97
C GLU A 218 -10.05 23.07 14.36
N ASN A 219 -10.74 21.95 14.58
CA ASN A 219 -10.59 21.16 15.83
C ASN A 219 -9.12 20.72 15.91
N GLN A 220 -8.68 19.92 14.92
CA GLN A 220 -7.27 19.44 14.83
C GLN A 220 -6.42 20.50 14.11
N GLY A 221 -6.77 20.82 12.87
CA GLY A 221 -6.03 21.81 12.07
C GLY A 221 -5.89 21.36 10.63
N PHE A 222 -6.49 20.20 10.31
CA PHE A 222 -6.43 19.65 8.94
C PHE A 222 -7.73 19.55 8.12
N GLU A 223 -7.90 20.47 7.17
CA GLU A 223 -9.11 20.53 6.33
C GLU A 223 -9.05 19.40 5.31
N ILE A 224 -10.20 18.94 4.85
CA ILE A 224 -10.31 17.67 4.16
C ILE A 224 -11.18 17.85 2.93
N VAL A 225 -10.77 17.24 1.83
CA VAL A 225 -11.51 17.18 0.57
C VAL A 225 -11.44 15.74 0.10
N SER A 226 -12.43 15.33 -0.67
CA SER A 226 -12.53 13.96 -1.22
C SER A 226 -13.02 14.02 -2.66
N LYS A 227 -12.21 13.61 -3.61
CA LYS A 227 -12.65 13.55 -5.00
C LYS A 227 -12.88 12.12 -5.42
N PRO A 228 -14.08 11.72 -5.87
CA PRO A 228 -14.31 10.31 -6.26
C PRO A 228 -13.75 10.00 -7.63
N LEU A 229 -13.34 8.75 -7.81
CA LEU A 229 -12.85 8.30 -9.08
C LEU A 229 -14.03 7.90 -9.96
N ASN A 230 -13.74 7.43 -11.17
CA ASN A 230 -14.82 6.94 -12.02
C ASN A 230 -15.56 5.78 -11.37
N ASN A 231 -14.82 4.90 -10.73
CA ASN A 231 -15.45 3.81 -9.99
C ASN A 231 -15.69 4.46 -8.63
N THR A 232 -16.92 4.87 -8.34
CA THR A 232 -17.32 5.69 -7.15
C THR A 232 -17.03 5.06 -5.79
N ARG A 233 -16.75 3.76 -5.72
CA ARG A 233 -16.37 3.00 -4.52
C ARG A 233 -15.10 3.64 -3.96
N PHE A 234 -14.16 4.05 -4.79
CA PHE A 234 -12.89 4.66 -4.32
C PHE A 234 -12.83 6.18 -4.51
N THR A 235 -12.48 6.88 -3.44
CA THR A 235 -12.28 8.32 -3.37
C THR A 235 -10.82 8.66 -3.09
N PHE A 236 -10.38 9.81 -3.64
CA PHE A 236 -9.06 10.37 -3.42
C PHE A 236 -9.14 11.54 -2.44
N VAL A 237 -8.47 11.41 -1.30
CA VAL A 237 -8.64 12.33 -0.17
C VAL A 237 -7.34 13.07 0.13
N VAL A 238 -7.46 14.38 0.35
CA VAL A 238 -6.31 15.26 0.56
C VAL A 238 -6.48 15.94 1.90
N VAL A 239 -5.43 15.95 2.70
CA VAL A 239 -5.48 16.52 4.04
C VAL A 239 -4.52 17.70 4.12
N LEU A 240 -5.08 18.91 4.30
CA LEU A 240 -4.31 20.15 4.33
C LEU A 240 -4.30 20.72 5.74
N PRO A 241 -3.15 21.06 6.30
CA PRO A 241 -3.13 21.78 7.56
C PRO A 241 -3.50 23.25 7.37
N LEU A 242 -4.05 23.87 8.40
CA LEU A 242 -4.48 25.29 8.30
C LEU A 242 -3.33 26.23 8.63
N TRP A 245 0.29 25.67 8.32
CA TRP A 245 1.46 24.76 8.29
C TRP A 245 1.69 24.09 9.65
N SER A 246 0.61 23.67 10.32
CA SER A 246 0.80 23.00 11.63
C SER A 246 1.58 21.72 11.39
N LEU A 247 1.13 20.94 10.39
CA LEU A 247 1.61 19.64 9.85
C LEU A 247 1.32 18.45 10.74
N THR A 248 1.74 18.45 12.00
CA THR A 248 1.54 17.26 12.87
C THR A 248 0.06 17.01 13.18
N GLY A 249 -0.78 18.02 13.11
CA GLY A 249 -2.21 17.84 13.39
C GLY A 249 -2.82 16.88 12.42
N ALA A 250 -2.46 16.99 11.14
CA ALA A 250 -2.92 16.06 10.10
C ALA A 250 -2.37 14.64 10.31
N MET A 251 -1.09 14.49 10.65
CA MET A 251 -0.47 13.12 10.70
C MET A 251 -1.20 12.11 11.61
N GLU A 252 -1.97 12.58 12.60
CA GLU A 252 -2.62 11.81 13.66
C GLU A 252 -3.55 10.89 12.88
N LEU A 253 -4.14 11.41 11.80
CA LEU A 253 -4.86 10.54 10.86
C LEU A 253 -3.94 9.55 10.17
N LEU A 254 -2.69 9.95 9.90
CA LEU A 254 -1.79 9.14 9.05
C LEU A 254 -1.13 7.99 9.81
N ASN A 255 -0.93 8.13 11.12
CA ASN A 255 -0.34 7.09 11.93
C ASN A 255 -1.37 6.26 12.66
N GLY A 256 -2.64 6.37 12.29
CA GLY A 256 -3.67 5.55 12.87
C GLY A 256 -4.23 6.03 14.18
N ASN A 257 -3.81 7.20 14.69
CA ASN A 257 -4.42 7.68 15.92
C ASN A 257 -5.83 8.15 15.65
N LYS A 258 -6.14 8.55 14.41
CA LYS A 258 -7.49 8.97 14.06
C LYS A 258 -8.02 8.07 12.97
N ILE A 259 -9.20 7.50 13.20
CA ILE A 259 -9.92 6.82 12.12
C ILE A 259 -10.23 7.81 11.00
N LEU A 260 -9.97 7.37 9.77
CA LEU A 260 -10.29 8.20 8.62
C LEU A 260 -11.80 8.30 8.41
N SER A 261 -12.46 7.15 8.24
CA SER A 261 -13.89 7.15 8.00
C SER A 261 -14.58 8.06 8.98
N GLU A 262 -14.16 7.99 10.23
CA GLU A 262 -14.66 8.83 11.36
C GLU A 262 -14.76 10.27 10.88
N TYR A 263 -13.74 10.74 10.16
CA TYR A 263 -13.70 12.08 9.56
C TYR A 263 -14.38 12.13 8.20
N ILE A 264 -14.19 11.09 7.37
CA ILE A 264 -14.89 11.04 6.10
C ILE A 264 -16.38 11.29 6.30
N LYS A 265 -16.93 10.86 7.45
CA LYS A 265 -18.37 10.86 7.65
C LYS A 265 -18.95 12.25 7.78
N LYS A 266 -18.15 13.22 8.24
CA LYS A 266 -18.64 14.58 8.44
C LYS A 266 -18.48 15.47 7.21
N LEU A 267 -18.20 14.88 6.06
CA LEU A 267 -17.95 15.63 4.84
C LEU A 267 -19.25 15.84 4.07
N LYS A 268 -19.64 17.11 3.93
CA LYS A 268 -20.90 17.51 3.32
C LYS A 268 -20.67 18.02 1.89
N GLU A 269 -21.72 17.92 1.07
CA GLU A 269 -21.68 18.48 -0.28
C GLU A 269 -21.35 19.97 -0.22
N THR A 270 -20.49 20.42 -1.14
CA THR A 270 -19.87 21.74 -1.12
C THR A 270 -19.47 22.12 -2.55
N THR A 271 -19.37 23.42 -2.82
CA THR A 271 -18.69 23.86 -4.04
C THR A 271 -17.24 24.24 -3.69
N VAL A 272 -16.28 23.83 -4.52
CA VAL A 272 -14.86 23.93 -4.17
C VAL A 272 -14.03 24.45 -5.34
N SER A 273 -13.18 25.43 -5.06
CA SER A 273 -12.15 25.88 -6.00
C SER A 273 -10.88 25.09 -5.76
N LEU A 274 -10.81 23.93 -6.41
CA LEU A 274 -9.72 22.99 -6.19
C LEU A 274 -8.54 23.31 -7.09
N ARG A 275 -7.35 23.37 -6.50
CA ARG A 275 -6.10 23.58 -7.22
C ARG A 275 -5.16 22.52 -6.65
N LEU A 276 -4.73 21.60 -7.50
CA LEU A 276 -4.10 20.36 -7.09
C LEU A 276 -2.85 20.09 -7.91
N PRO A 277 -1.71 19.83 -7.26
CA PRO A 277 -0.47 19.64 -8.02
C PRO A 277 -0.48 18.36 -8.84
N LYS A 278 -0.05 18.49 -10.09
CA LYS A 278 0.29 17.33 -10.91
C LYS A 278 1.59 16.73 -10.38
N PHE A 279 1.60 15.44 -10.04
CA PHE A 279 2.80 14.84 -9.46
C PHE A 279 2.71 13.32 -9.57
N THR A 280 3.86 12.67 -9.39
CA THR A 280 3.96 11.22 -9.39
C THR A 280 4.76 10.78 -8.18
N LEU A 281 4.24 9.78 -7.46
CA LEU A 281 4.86 9.29 -6.24
C LEU A 281 5.23 7.83 -6.42
N LYS A 282 6.53 7.53 -6.31
CA LYS A 282 7.03 6.17 -6.31
C LYS A 282 7.95 6.00 -5.11
N ASN A 283 7.83 4.89 -4.38
CA ASN A 283 8.48 4.85 -3.06
C ASN A 283 8.67 3.42 -2.54
N THR A 284 9.87 2.87 -2.80
CA THR A 284 10.27 1.52 -2.41
C THR A 284 10.51 1.47 -0.90
N LEU A 285 9.95 0.47 -0.21
CA LEU A 285 10.02 0.38 1.25
C LEU A 285 10.40 -1.02 1.72
N ASP A 286 11.01 -1.08 2.92
CA ASP A 286 11.30 -2.33 3.64
C ASP A 286 10.53 -2.36 4.94
N LEU A 287 9.73 -3.42 5.13
CA LEU A 287 8.82 -3.56 6.26
C LEU A 287 9.29 -4.61 7.26
N VAL A 288 10.59 -4.90 7.29
CA VAL A 288 11.15 -5.85 8.25
C VAL A 288 11.39 -5.20 9.60
N GLN A 289 11.85 -3.93 9.60
CA GLN A 289 11.91 -3.17 10.85
C GLN A 289 10.55 -2.59 11.24
N THR A 290 9.52 -2.66 10.39
CA THR A 290 8.18 -2.25 10.75
C THR A 290 7.37 -3.38 11.37
N LEU A 291 7.42 -4.57 10.76
CA LEU A 291 6.60 -5.69 11.18
C LEU A 291 7.11 -6.37 12.43
N LYS A 292 8.31 -6.00 12.89
CA LYS A 292 8.82 -6.40 14.20
C LYS A 292 8.22 -5.54 15.31
N SER A 293 8.30 -4.21 15.16
CA SER A 293 7.72 -3.32 16.14
C SER A 293 6.20 -3.46 16.20
N MET A 294 5.61 -4.05 15.17
CA MET A 294 4.18 -4.31 15.14
C MET A 294 3.85 -5.77 15.49
N GLY A 295 4.81 -6.50 16.04
CA GLY A 295 4.54 -7.81 16.63
C GLY A 295 4.89 -9.04 15.81
N ILE A 296 5.62 -8.90 14.70
CA ILE A 296 6.07 -10.06 13.93
C ILE A 296 7.60 -9.99 13.87
N VAL A 297 8.23 -10.67 14.82
CA VAL A 297 9.68 -10.52 15.06
C VAL A 297 10.35 -11.88 14.93
N ASP A 298 9.56 -12.94 14.96
CA ASP A 298 10.07 -14.32 14.89
C ASP A 298 10.11 -14.76 13.43
N LEU A 299 9.77 -13.89 12.49
CA LEU A 299 9.78 -14.28 11.08
C LEU A 299 11.08 -13.83 10.43
N PHE A 300 11.59 -12.67 10.82
CA PHE A 300 12.76 -12.18 10.12
C PHE A 300 14.04 -12.56 10.83
N ASN A 301 13.99 -13.62 11.64
CA ASN A 301 15.10 -14.05 12.45
C ASN A 301 15.51 -15.46 12.04
N PRO A 302 16.80 -15.70 11.75
CA PRO A 302 17.18 -17.06 11.31
C PRO A 302 17.11 -18.11 12.40
N VAL A 303 17.56 -17.82 13.62
CA VAL A 303 17.54 -18.86 14.65
C VAL A 303 16.12 -19.31 14.93
N ALA A 304 15.15 -18.38 14.97
CA ALA A 304 13.83 -18.68 15.52
C ALA A 304 12.67 -18.52 14.53
N ALA A 305 12.91 -18.57 13.21
CA ALA A 305 11.80 -18.56 12.26
C ALA A 305 11.35 -19.98 11.93
N ASN A 306 10.04 -20.21 11.89
CA ASN A 306 9.43 -21.52 11.65
C ASN A 306 8.62 -21.49 10.36
N LEU A 307 9.31 -21.65 9.22
CA LEU A 307 8.64 -21.72 7.92
C LEU A 307 8.74 -23.13 7.34
N SER A 308 8.42 -24.10 8.21
CA SER A 308 8.43 -25.52 7.89
C SER A 308 7.29 -25.85 6.95
N GLY A 309 6.32 -24.96 6.78
CA GLY A 309 5.29 -25.22 5.79
C GLY A 309 5.80 -25.16 4.36
N ILE A 310 6.88 -24.42 4.16
CA ILE A 310 7.52 -24.27 2.83
C ILE A 310 8.48 -25.44 2.63
N THR A 311 9.48 -25.57 3.49
CA THR A 311 10.40 -26.70 3.37
C THR A 311 10.74 -27.28 4.74
N HIS A 312 11.04 -28.58 4.75
CA HIS A 312 11.36 -29.30 5.98
C HIS A 312 12.78 -29.86 5.98
N ASP A 313 13.60 -29.53 4.98
CA ASP A 313 14.97 -30.03 4.94
C ASP A 313 15.99 -29.00 5.39
N HIS A 314 15.72 -27.72 5.15
CA HIS A 314 16.60 -26.63 5.56
C HIS A 314 15.75 -25.51 6.10
N GLN A 315 16.21 -24.93 7.22
CA GLN A 315 15.50 -23.83 7.94
C GLN A 315 15.75 -22.51 7.22
N LEU A 316 14.69 -21.75 6.98
CA LEU A 316 14.80 -20.42 6.32
C LEU A 316 13.96 -19.41 7.10
N TYR A 317 14.15 -18.12 6.81
CA TYR A 317 13.43 -17.01 7.46
C TYR A 317 13.24 -15.89 6.42
N VAL A 318 12.57 -14.79 6.74
CA VAL A 318 12.42 -13.74 5.69
C VAL A 318 13.48 -12.65 5.86
N ASP A 319 14.42 -12.52 4.93
CA ASP A 319 15.45 -11.51 5.09
C ASP A 319 14.91 -10.13 4.78
N LYS A 320 14.10 -9.98 3.73
CA LYS A 320 13.68 -8.65 3.29
C LYS A 320 12.23 -8.68 2.82
N PHE A 321 11.42 -7.71 3.28
CA PHE A 321 9.95 -7.68 3.04
C PHE A 321 9.60 -6.42 2.23
N MET A 322 9.90 -6.44 0.94
CA MET A 322 9.96 -5.22 0.13
C MET A 322 8.60 -4.84 -0.44
N GLN A 323 8.33 -3.53 -0.45
CA GLN A 323 7.16 -3.00 -1.12
C GLN A 323 7.55 -1.84 -2.02
N THR A 324 6.86 -1.72 -3.16
CA THR A 324 7.12 -0.68 -4.14
C THR A 324 5.79 -0.23 -4.74
N ASN A 325 5.62 1.08 -4.81
CA ASN A 325 4.37 1.67 -5.21
C ASN A 325 4.65 2.78 -6.20
N ILE A 326 3.61 3.10 -6.95
CA ILE A 326 3.59 4.18 -7.93
C ILE A 326 2.23 4.87 -7.85
N LEU A 327 2.23 6.17 -7.52
CA LEU A 327 1.03 7.00 -7.57
C LEU A 327 1.31 8.21 -8.45
N LYS A 328 0.73 8.20 -9.66
CA LYS A 328 0.92 9.29 -10.62
C LYS A 328 -0.44 9.89 -10.95
N LEU A 329 -0.61 11.15 -10.55
CA LEU A 329 -1.86 11.90 -10.77
C LEU A 329 -1.71 12.80 -11.98
N ASN A 330 -2.73 12.79 -12.82
CA ASN A 330 -2.83 13.59 -14.06
C ASN A 330 -4.23 14.17 -14.13
N GLU A 331 -4.45 15.15 -15.01
CA GLU A 331 -5.77 15.74 -15.14
C GLU A 331 -6.83 14.66 -15.40
N SER A 332 -6.43 13.50 -15.89
CA SER A 332 -7.38 12.52 -16.39
C SER A 332 -7.81 11.49 -15.35
N GLY A 333 -6.98 11.24 -14.34
CA GLY A 333 -7.25 10.26 -13.30
C GLY A 333 -5.97 9.86 -12.61
N ILE A 334 -5.89 8.60 -12.17
CA ILE A 334 -4.66 8.13 -11.49
C ILE A 334 -4.13 7.02 -12.39
N GLU A 335 -2.98 7.22 -13.01
CA GLU A 335 -2.28 6.32 -13.98
C GLU A 335 -3.00 6.24 -15.32
N ALA A 336 -3.90 7.19 -15.59
CA ALA A 336 -4.66 7.18 -16.84
C ALA A 336 -4.25 8.42 -17.58
N THR A 337 -4.00 8.27 -18.87
CA THR A 337 -3.63 9.40 -19.70
C THR A 337 -4.75 9.84 -20.64
N VAL A 350 -20.82 26.74 -11.96
CA VAL A 350 -20.32 26.27 -10.67
C VAL A 350 -19.59 27.39 -9.89
N LEU A 351 -20.25 28.02 -8.91
CA LEU A 351 -19.64 29.11 -8.14
C LEU A 351 -19.10 28.59 -6.83
N PRO A 352 -17.79 28.55 -6.61
CA PRO A 352 -17.27 27.89 -5.41
C PRO A 352 -17.62 28.63 -4.12
N ASP A 353 -17.84 27.85 -3.06
CA ASP A 353 -17.98 28.40 -1.72
C ASP A 353 -16.75 28.18 -0.86
N ILE A 354 -15.83 27.31 -1.30
CA ILE A 354 -14.65 26.94 -0.53
C ILE A 354 -13.44 27.01 -1.46
N ASP A 355 -12.41 27.71 -1.02
CA ASP A 355 -11.09 27.61 -1.64
C ASP A 355 -10.31 26.48 -0.99
N PHE A 356 -9.61 25.71 -1.83
CA PHE A 356 -8.88 24.55 -1.36
C PHE A 356 -7.58 24.47 -2.20
N ASN A 357 -6.71 25.47 -2.04
CA ASN A 357 -5.44 25.51 -2.76
C ASN A 357 -4.39 24.72 -2.00
N VAL A 358 -3.69 23.84 -2.72
CA VAL A 358 -2.74 22.89 -2.14
C VAL A 358 -1.31 23.21 -2.56
N ASN A 359 -0.68 24.17 -1.88
CA ASN A 359 0.66 24.58 -2.24
C ASN A 359 1.67 24.45 -1.11
N HIS A 360 1.28 23.82 0.01
CA HIS A 360 2.24 23.43 1.04
C HIS A 360 2.09 21.93 1.23
N PRO A 361 2.92 21.27 2.05
CA PRO A 361 2.85 19.80 2.14
C PRO A 361 1.50 19.32 2.65
N PHE A 362 1.16 18.08 2.26
CA PHE A 362 -0.14 17.52 2.58
C PHE A 362 -0.08 16.01 2.75
N ILE A 363 -1.23 15.44 3.11
CA ILE A 363 -1.40 14.00 3.36
C ILE A 363 -2.63 13.49 2.61
N CYS A 364 -2.41 12.65 1.61
CA CYS A 364 -3.49 12.16 0.77
C CYS A 364 -3.70 10.68 0.94
N PHE A 365 -4.90 10.23 0.59
CA PHE A 365 -5.32 8.84 0.68
C PHE A 365 -6.14 8.46 -0.54
N ILE A 366 -6.07 7.18 -0.87
CA ILE A 366 -7.00 6.50 -1.75
C ILE A 366 -7.88 5.72 -0.80
N TYR A 367 -9.07 6.22 -0.56
CA TYR A 367 -9.91 5.66 0.48
C TYR A 367 -10.87 4.70 -0.18
N ASP A 368 -11.18 3.62 0.53
CA ASP A 368 -12.18 2.68 0.08
C ASP A 368 -13.52 3.10 0.65
N GLN A 369 -14.57 3.13 -0.15
CA GLN A 369 -15.87 3.53 0.44
C GLN A 369 -16.64 2.29 0.84
N GLN A 370 -16.21 1.11 0.42
CA GLN A 370 -16.95 -0.10 0.84
C GLN A 370 -16.26 -0.74 2.02
N LEU A 371 -14.96 -1.07 1.89
CA LEU A 371 -14.19 -1.72 2.98
C LEU A 371 -13.92 -0.69 4.09
N THR A 372 -14.13 0.60 3.78
CA THR A 372 -13.95 1.70 4.75
C THR A 372 -12.52 1.72 5.32
N MET A 373 -11.50 1.55 4.46
CA MET A 373 -10.10 1.63 4.93
C MET A 373 -9.25 2.33 3.87
N PRO A 374 -8.15 3.03 4.26
CA PRO A 374 -7.31 3.72 3.30
C PRO A 374 -6.26 2.74 2.75
N ILE A 375 -6.60 2.02 1.68
CA ILE A 375 -5.67 1.07 1.06
C ILE A 375 -4.28 1.69 0.88
N ILE A 376 -4.24 2.96 0.45
CA ILE A 376 -3.00 3.69 0.13
C ILE A 376 -2.99 5.00 0.90
N ALA A 377 -2.00 5.17 1.77
CA ALA A 377 -1.91 6.36 2.59
C ALA A 377 -0.53 6.96 2.41
N ALA A 378 -0.49 8.24 2.05
CA ALA A 378 0.71 8.88 1.56
C ALA A 378 0.83 10.24 2.22
N LYS A 379 2.10 10.64 2.41
CA LYS A 379 2.52 11.96 2.96
C LYS A 379 3.46 12.59 1.93
N VAL A 380 3.08 13.75 1.38
CA VAL A 380 3.84 14.39 0.33
C VAL A 380 4.45 15.68 0.88
N ILE A 381 5.78 15.75 0.84
CA ILE A 381 6.54 16.93 1.33
C ILE A 381 6.84 17.85 0.13
N GLU A 382 7.40 17.26 -0.93
CA GLU A 382 7.75 17.98 -2.19
C GLU A 382 7.23 17.15 -3.37
N PRO A 383 6.26 17.65 -4.16
CA PRO A 383 5.70 16.90 -5.29
C PRO A 383 6.68 16.63 -6.44
N ILE A 384 6.95 15.34 -6.70
CA ILE A 384 7.82 14.92 -7.82
C ILE A 384 7.07 15.20 -9.11
#